data_5FIH
#
_entry.id   5FIH
#
_cell.length_a   50.115
_cell.length_b   70.258
_cell.length_c   149.916
_cell.angle_alpha   90.00
_cell.angle_beta   90.00
_cell.angle_gamma   90.00
#
_symmetry.space_group_name_H-M   'P 21 21 21'
#
loop_
_entity.id
_entity.type
_entity.pdbx_description
1 polymer 1,3-BETA-GLUCANOSYLTRANSFERASE
2 branched beta-D-glucopyranose-(1-3)-beta-D-glucopyranose-(1-3)-beta-D-glucopyranose-(1-3)-alpha-D-glucopyranose
3 branched beta-D-glucopyranose-(1-3)-beta-D-glucopyranose-(1-3)-alpha-D-glucopyranose-(1-3)-beta-D-glucopyranose-(1-3)-beta-D-glucopyranose
4 water water
#
_entity_poly.entity_id   1
_entity_poly.type   'polypeptide(L)'
_entity_poly.pdbx_seq_one_letter_code
;MNKKQNFYAAIIVAIFLCLQLSHGSSGVSFEKTPAIKIVGNKFFDSESGEQFFIKGIAYQLQRSEEELSNANGAFETSYI
DALADPKICLRDIPFLKMLGVNTLRVYAIDPTKSHDICMEALSAEGMYVLLDLSEPDISINRENPSWDVHIFERYKSVID
AMSSFPNLLGYFAGNQVTNDHTNTFASPFVKAAIRDAKEYISHSNHRKIPVGYSTNDDAMTRDNLARYFVCGDVKADFYG
INMYEWCGYSTYGTSGYRERTKEFEGYPIPVFFSEFGCNLVRPRPFTEVSALYGNKMSSVWSGGLAYMYFEEENEYGVVK
INDNDGVDILPDFKNLKKEFAKADPKGITEEEYLTAKEPTEVESVECPHIAVGVWEANEKLPETPDRSKCACLDEILPCE
IVPFGAESGKYEEYFSYLCSKVDCSDILANGKTGEYGEFSDCSVEQKLSLQLSKLYCKIGANDRHCPLNDKNVYFNLESL
QPLTSESICKNVFDSIRDITYNHGDYSKSDPSRSKESLNVKYPSSEERENDGTIAFKTSGFVILLISMIAAGILL
;
_entity_poly.pdbx_strand_id   A
#
loop_
_chem_comp.id
_chem_comp.type
_chem_comp.name
_chem_comp.formula
BGC D-saccharide, beta linking beta-D-glucopyranose 'C6 H12 O6'
GLC D-saccharide, alpha linking alpha-D-glucopyranose 'C6 H12 O6'
#
# COMPACT_ATOMS: atom_id res chain seq x y z
N SER A 29 3.89 17.95 21.24
CA SER A 29 5.38 17.96 21.09
C SER A 29 5.92 16.68 20.47
N PHE A 30 6.72 16.84 19.42
CA PHE A 30 7.31 15.72 18.70
C PHE A 30 8.84 15.70 18.79
N GLU A 31 9.38 16.28 19.86
CA GLU A 31 10.83 16.45 19.97
C GLU A 31 11.63 15.14 19.87
N LYS A 32 11.10 14.06 20.45
CA LYS A 32 11.81 12.78 20.48
C LYS A 32 11.77 12.05 19.12
N THR A 33 10.94 12.56 18.19
CA THR A 33 10.92 12.01 16.82
C THR A 33 11.07 13.08 15.73
N PRO A 34 12.32 13.50 15.45
CA PRO A 34 12.57 14.37 14.29
C PRO A 34 12.15 13.64 13.03
N ALA A 35 11.60 14.35 12.05
CA ALA A 35 11.24 13.69 10.79
C ALA A 35 12.43 12.95 10.20
N ILE A 36 12.16 11.77 9.63
CA ILE A 36 13.17 11.00 8.91
C ILE A 36 13.09 11.38 7.44
N LYS A 37 14.25 11.56 6.81
CA LYS A 37 14.30 11.85 5.39
C LYS A 37 15.14 10.81 4.67
N ILE A 38 15.05 10.81 3.34
CA ILE A 38 15.79 9.86 2.54
C ILE A 38 16.90 10.62 1.81
N VAL A 39 18.11 10.09 1.89
CA VAL A 39 19.22 10.58 1.06
C VAL A 39 19.88 9.35 0.45
N GLY A 40 19.99 9.34 -0.89
CA GLY A 40 20.51 8.17 -1.59
C GLY A 40 19.66 6.94 -1.28
N ASN A 41 20.29 5.85 -0.86
CA ASN A 41 19.55 4.64 -0.51
C ASN A 41 19.44 4.39 1.00
N LYS A 42 19.46 5.48 1.76
CA LYS A 42 19.37 5.38 3.23
C LYS A 42 18.39 6.38 3.86
N PHE A 43 17.89 6.03 5.05
CA PHE A 43 17.09 6.94 5.87
C PHE A 43 18.02 7.68 6.82
N PHE A 44 17.70 8.95 7.11
CA PHE A 44 18.48 9.77 8.05
C PHE A 44 17.55 10.58 8.94
N ASP A 45 17.94 10.70 10.21
CA ASP A 45 17.30 11.62 11.16
C ASP A 45 17.58 13.05 10.65
N SER A 46 16.52 13.83 10.39
CA SER A 46 16.67 15.15 9.75
C SER A 46 17.34 16.18 10.65
N GLU A 47 17.35 15.93 11.95
CA GLU A 47 17.98 16.82 12.91
C GLU A 47 19.44 16.45 13.16
N SER A 48 19.69 15.18 13.49
CA SER A 48 21.03 14.72 13.87
C SER A 48 21.92 14.38 12.69
N GLY A 49 21.33 14.01 11.56
CA GLY A 49 22.11 13.58 10.40
C GLY A 49 22.59 12.14 10.46
N GLU A 50 22.24 11.42 11.53
CA GLU A 50 22.64 10.01 11.68
C GLU A 50 21.71 9.09 10.90
N GLN A 51 22.25 8.00 10.35
CA GLN A 51 21.43 6.99 9.65
C GLN A 51 20.39 6.43 10.61
N PHE A 52 19.18 6.29 10.09
CA PHE A 52 18.06 5.70 10.81
C PHE A 52 17.85 4.25 10.36
N PHE A 53 17.87 3.34 11.33
CA PHE A 53 17.55 1.94 11.10
C PHE A 53 16.23 1.60 11.75
N ILE A 54 15.36 0.91 10.99
CA ILE A 54 14.06 0.51 11.51
C ILE A 54 14.26 -0.70 12.42
N LYS A 55 13.81 -0.56 13.66
CA LYS A 55 13.64 -1.70 14.57
C LYS A 55 12.16 -1.76 14.87
N GLY A 56 11.43 -2.55 14.08
CA GLY A 56 9.99 -2.41 14.04
C GLY A 56 9.16 -3.64 14.40
N ILE A 57 7.86 -3.42 14.54
CA ILE A 57 6.88 -4.49 14.67
C ILE A 57 5.55 -4.07 14.03
N ALA A 58 4.87 -5.05 13.42
CA ALA A 58 3.55 -4.84 12.86
C ALA A 58 2.50 -4.74 13.96
N TYR A 59 1.68 -3.71 13.88
CA TYR A 59 0.71 -3.41 14.91
C TYR A 59 -0.66 -3.16 14.29
N GLN A 60 -1.49 -4.20 14.30
CA GLN A 60 -2.80 -4.13 13.66
C GLN A 60 -3.72 -5.19 14.26
N LEU A 61 -4.88 -4.74 14.74
CA LEU A 61 -5.89 -5.61 15.31
C LEU A 61 -6.78 -6.12 14.18
N GLN A 62 -7.20 -7.38 14.26
CA GLN A 62 -8.14 -7.93 13.28
C GLN A 62 -9.40 -8.37 13.98
N GLU A 76 -19.81 -0.14 11.71
CA GLU A 76 -18.42 0.34 11.73
C GLU A 76 -17.55 -0.37 10.68
N THR A 77 -16.28 0.05 10.60
CA THR A 77 -15.35 -0.45 9.59
C THR A 77 -14.98 -1.90 9.80
N SER A 78 -14.70 -2.60 8.69
CA SER A 78 -14.27 -3.98 8.69
C SER A 78 -12.92 -4.17 9.41
N TYR A 79 -12.01 -3.24 9.18
CA TYR A 79 -10.72 -3.20 9.87
C TYR A 79 -10.88 -2.51 11.22
N ILE A 80 -9.95 -2.76 12.13
CA ILE A 80 -9.89 -2.04 13.41
C ILE A 80 -8.72 -1.04 13.37
N ASP A 81 -8.98 0.21 13.75
CA ASP A 81 -7.93 1.23 13.81
C ASP A 81 -7.53 1.49 15.27
N ALA A 82 -6.52 0.76 15.73
CA ALA A 82 -6.00 0.91 17.09
C ALA A 82 -5.48 2.33 17.39
N LEU A 83 -4.96 3.00 16.36
CA LEU A 83 -4.40 4.35 16.53
C LEU A 83 -5.46 5.46 16.68
N ALA A 84 -6.71 5.09 16.51
CA ALA A 84 -7.82 6.02 16.70
C ALA A 84 -8.47 5.80 18.07
N ASP A 85 -7.95 4.85 18.85
CA ASP A 85 -8.58 4.50 20.13
C ASP A 85 -7.53 4.54 21.25
N PRO A 86 -7.51 5.66 22.01
CA PRO A 86 -6.46 5.78 23.02
C PRO A 86 -6.41 4.64 24.05
N LYS A 87 -7.56 4.08 24.43
CA LYS A 87 -7.54 2.97 25.40
C LYS A 87 -6.75 1.74 24.91
N ILE A 88 -6.74 1.54 23.59
CA ILE A 88 -5.93 0.47 22.99
C ILE A 88 -4.45 0.86 22.89
N CYS A 89 -4.17 1.93 22.14
CA CYS A 89 -2.80 2.31 21.91
C CYS A 89 -2.04 2.65 23.21
N LEU A 90 -2.72 3.24 24.18
CA LEU A 90 -2.04 3.60 25.44
C LEU A 90 -1.81 2.37 26.33
N ARG A 91 -2.59 1.30 26.11
CA ARG A 91 -2.28 0.03 26.78
C ARG A 91 -1.01 -0.56 26.19
N ASP A 92 -0.86 -0.51 24.86
CA ASP A 92 0.19 -1.23 24.19
C ASP A 92 1.55 -0.55 24.15
N ILE A 93 1.57 0.78 24.12
CA ILE A 93 2.83 1.50 23.98
C ILE A 93 3.89 1.13 25.05
N PRO A 94 3.46 0.93 26.31
CA PRO A 94 4.45 0.52 27.32
C PRO A 94 5.15 -0.83 27.00
N PHE A 95 4.39 -1.76 26.41
CA PHE A 95 4.97 -3.05 26.01
C PHE A 95 5.83 -2.90 24.76
N LEU A 96 5.39 -2.04 23.86
CA LEU A 96 6.18 -1.70 22.68
C LEU A 96 7.50 -1.04 23.10
N LYS A 97 7.44 -0.19 24.12
CA LYS A 97 8.64 0.40 24.70
C LYS A 97 9.61 -0.67 25.28
N MET A 98 9.05 -1.64 26.02
CA MET A 98 9.85 -2.78 26.58
C MET A 98 10.56 -3.57 25.48
N LEU A 99 9.81 -3.84 24.41
CA LEU A 99 10.37 -4.53 23.23
C LEU A 99 11.55 -3.82 22.61
N GLY A 100 11.55 -2.49 22.71
CA GLY A 100 12.64 -1.71 22.16
C GLY A 100 12.45 -1.27 20.73
N VAL A 101 11.20 -1.22 20.28
CA VAL A 101 10.92 -0.84 18.88
C VAL A 101 10.93 0.67 18.70
N ASN A 102 11.34 1.10 17.52
CA ASN A 102 11.26 2.52 17.16
C ASN A 102 10.29 2.78 16.01
N THR A 103 9.67 1.71 15.48
CA THR A 103 8.75 1.83 14.34
C THR A 103 7.62 0.81 14.46
N LEU A 104 6.39 1.23 14.13
CA LEU A 104 5.28 0.30 13.93
C LEU A 104 4.87 0.28 12.45
N ARG A 105 4.46 -0.88 11.95
CA ARG A 105 3.80 -0.93 10.62
C ARG A 105 2.31 -1.14 10.84
N VAL A 106 1.53 -0.25 10.27
CA VAL A 106 0.08 -0.24 10.45
C VAL A 106 -0.52 -0.40 9.06
N TYR A 107 -1.43 -1.37 8.91
CA TYR A 107 -2.01 -1.72 7.60
C TYR A 107 -3.27 -0.94 7.24
N ALA A 108 -4.00 -0.42 8.23
CA ALA A 108 -5.24 0.29 7.94
C ALA A 108 -5.58 1.24 9.07
N ILE A 109 -5.77 2.51 8.72
CA ILE A 109 -6.38 3.50 9.60
C ILE A 109 -7.72 3.98 9.03
N ASP A 110 -8.57 4.46 9.91
CA ASP A 110 -9.79 5.13 9.52
C ASP A 110 -9.53 6.64 9.44
N PRO A 111 -9.50 7.20 8.21
CA PRO A 111 -9.16 8.63 8.07
C PRO A 111 -10.20 9.60 8.62
N THR A 112 -11.39 9.11 8.96
CA THR A 112 -12.44 9.98 9.50
C THR A 112 -12.28 10.22 11.01
N LYS A 113 -11.35 9.48 11.62
CA LYS A 113 -11.10 9.59 13.07
C LYS A 113 -9.81 10.35 13.39
N SER A 114 -9.74 10.92 14.60
CA SER A 114 -8.55 11.56 15.11
C SER A 114 -7.44 10.55 15.45
N HIS A 115 -6.18 10.93 15.23
CA HIS A 115 -5.02 10.09 15.58
C HIS A 115 -3.97 10.82 16.40
N ASP A 116 -4.26 12.03 16.84
CA ASP A 116 -3.17 12.76 17.49
C ASP A 116 -2.77 12.23 18.86
N ILE A 117 -3.73 11.75 19.64
CA ILE A 117 -3.39 11.19 20.96
C ILE A 117 -2.39 10.04 20.82
N CYS A 118 -2.74 9.05 20.00
CA CYS A 118 -1.84 7.93 19.77
C CYS A 118 -0.54 8.31 19.07
N MET A 119 -0.59 9.16 18.06
CA MET A 119 0.66 9.53 17.37
C MET A 119 1.61 10.30 18.30
N GLU A 120 1.05 11.18 19.12
CA GLU A 120 1.87 11.90 20.12
C GLU A 120 2.44 10.98 21.19
N ALA A 121 1.63 10.02 21.64
CA ALA A 121 2.06 9.00 22.60
C ALA A 121 3.19 8.15 22.07
N LEU A 122 3.11 7.82 20.77
CA LEU A 122 4.18 7.11 20.11
C LEU A 122 5.43 7.96 20.05
N SER A 123 5.27 9.24 19.69
CA SER A 123 6.43 10.14 19.56
C SER A 123 7.17 10.28 20.88
N ALA A 124 6.40 10.32 21.97
CA ALA A 124 6.95 10.46 23.33
C ALA A 124 7.86 9.28 23.66
N GLU A 125 7.65 8.15 22.99
CA GLU A 125 8.55 7.00 23.13
C GLU A 125 9.55 6.78 21.99
N GLY A 126 9.69 7.77 21.11
CA GLY A 126 10.65 7.70 20.01
C GLY A 126 10.22 6.75 18.90
N MET A 127 8.91 6.56 18.78
CA MET A 127 8.35 5.60 17.83
C MET A 127 7.72 6.28 16.63
N TYR A 128 7.97 5.70 15.45
CA TYR A 128 7.50 6.17 14.15
C TYR A 128 6.51 5.16 13.58
N VAL A 129 5.78 5.56 12.53
CA VAL A 129 4.78 4.71 11.90
C VAL A 129 5.01 4.61 10.39
N LEU A 130 5.08 3.37 9.88
CA LEU A 130 4.94 3.05 8.46
C LEU A 130 3.49 2.64 8.23
N LEU A 131 2.85 3.25 7.25
CA LEU A 131 1.41 3.08 7.07
C LEU A 131 0.99 2.82 5.63
N ASP A 132 0.25 1.72 5.42
CA ASP A 132 -0.43 1.50 4.13
C ASP A 132 -1.56 2.50 3.86
N LEU A 133 -1.76 2.82 2.59
CA LEU A 133 -2.78 3.78 2.20
C LEU A 133 -4.13 3.09 1.94
N SER A 134 -4.07 1.82 1.60
CA SER A 134 -5.25 1.05 1.25
C SER A 134 -5.94 0.45 2.50
N GLU A 135 -7.05 -0.24 2.26
CA GLU A 135 -7.71 -0.99 3.31
C GLU A 135 -8.32 -2.20 2.61
N PRO A 136 -8.58 -3.29 3.33
CA PRO A 136 -8.96 -4.55 2.67
C PRO A 136 -10.02 -4.42 1.57
N ASP A 137 -10.98 -3.53 1.77
CA ASP A 137 -12.10 -3.34 0.85
C ASP A 137 -11.88 -2.25 -0.20
N ILE A 138 -10.81 -1.45 -0.04
CA ILE A 138 -10.45 -0.43 -1.04
C ILE A 138 -8.95 -0.55 -1.36
N SER A 139 -8.65 -1.35 -2.38
CA SER A 139 -6.49 -3.20 -0.90
CA SER A 139 -6.23 -3.00 -1.31
C SER A 139 -7.08 -2.36 -4.10
N ILE A 140 -5.96 -2.02 -4.73
CA ILE A 140 -5.72 -2.52 -6.09
C ILE A 140 -5.91 -4.04 -6.10
N ASN A 141 -6.87 -4.50 -6.91
CA ASN A 141 -7.23 -5.91 -6.98
C ASN A 141 -6.23 -6.64 -7.87
N ARG A 142 -5.44 -7.55 -7.30
CA ARG A 142 -4.35 -8.16 -8.07
C ARG A 142 -4.87 -9.02 -9.22
N GLU A 143 -6.08 -9.53 -9.11
CA GLU A 143 -6.60 -10.34 -10.20
C GLU A 143 -7.35 -9.55 -11.26
N ASN A 144 -7.94 -8.42 -10.86
CA ASN A 144 -8.62 -7.53 -11.80
C ASN A 144 -8.21 -6.06 -11.53
N PRO A 145 -6.97 -5.70 -11.88
CA PRO A 145 -6.45 -4.42 -11.37
C PRO A 145 -7.04 -3.18 -12.04
N SER A 146 -7.25 -2.15 -11.21
CA SER A 146 -7.70 -0.85 -11.66
C SER A 146 -6.95 0.18 -10.83
N TRP A 147 -6.67 1.35 -11.41
CA TRP A 147 -6.20 2.49 -10.63
C TRP A 147 -7.18 3.61 -10.94
N ASP A 148 -8.07 3.88 -9.98
CA ASP A 148 -9.25 4.65 -10.27
C ASP A 148 -9.54 5.68 -9.17
N VAL A 149 -10.52 6.54 -9.44
CA VAL A 149 -10.85 7.64 -8.52
C VAL A 149 -11.28 7.16 -7.13
N HIS A 150 -11.87 5.97 -7.04
CA HIS A 150 -12.34 5.44 -5.76
C HIS A 150 -11.16 5.04 -4.85
N ILE A 151 -10.22 4.28 -5.40
CA ILE A 151 -9.01 3.93 -4.66
C ILE A 151 -8.15 5.17 -4.40
N PHE A 152 -8.05 6.07 -5.38
CA PHE A 152 -7.22 7.25 -5.21
C PHE A 152 -7.81 8.14 -4.10
N GLU A 153 -9.13 8.22 -4.05
CA GLU A 153 -9.77 9.03 -3.01
C GLU A 153 -9.45 8.50 -1.62
N ARG A 154 -9.45 7.18 -1.46
CA ARG A 154 -9.03 6.51 -0.22
C ARG A 154 -7.59 6.90 0.16
N TYR A 155 -6.70 6.81 -0.82
CA TYR A 155 -5.29 7.18 -0.59
C TYR A 155 -5.16 8.62 -0.14
N LYS A 156 -5.83 9.54 -0.85
CA LYS A 156 -5.79 10.97 -0.48
C LYS A 156 -6.32 11.18 0.94
N SER A 157 -7.38 10.45 1.30
CA SER A 157 -8.01 10.59 2.62
C SER A 157 -7.04 10.23 3.73
N VAL A 158 -6.30 9.15 3.53
CA VAL A 158 -5.27 8.72 4.52
C VAL A 158 -4.12 9.72 4.61
N ILE A 159 -3.62 10.16 3.46
CA ILE A 159 -2.57 11.20 3.39
C ILE A 159 -3.01 12.47 4.15
N ASP A 160 -4.24 12.90 3.93
CA ASP A 160 -4.69 14.13 4.58
C ASP A 160 -4.96 13.95 6.06
N ALA A 161 -5.24 12.71 6.45
CA ALA A 161 -5.46 12.38 7.86
C ALA A 161 -4.16 12.22 8.67
N MET A 162 -3.09 11.76 8.01
CA MET A 162 -1.87 11.32 8.71
C MET A 162 -0.58 12.14 8.49
N SER A 163 -0.59 13.09 7.57
CA SER A 163 0.67 13.71 7.14
C SER A 163 1.20 14.80 8.09
N SER A 164 0.37 15.27 9.01
CA SER A 164 0.79 16.34 9.93
C SER A 164 1.78 15.86 11.00
N PHE A 165 1.91 14.53 11.15
CA PHE A 165 2.74 13.93 12.20
C PHE A 165 4.17 13.70 11.74
N PRO A 166 5.14 14.34 12.41
CA PRO A 166 6.57 14.22 12.08
C PRO A 166 7.07 12.78 12.15
N ASN A 167 6.39 11.95 12.94
CA ASN A 167 6.77 10.54 13.14
C ASN A 167 6.05 9.57 12.19
N LEU A 168 5.42 10.13 11.16
CA LEU A 168 4.93 9.33 10.03
C LEU A 168 6.13 9.12 9.13
N LEU A 169 6.70 7.91 9.19
CA LEU A 169 7.92 7.57 8.48
C LEU A 169 7.69 7.49 6.97
N GLY A 170 6.65 6.77 6.56
CA GLY A 170 6.41 6.58 5.14
C GLY A 170 5.08 5.91 4.92
N TYR A 171 4.59 6.01 3.67
CA TYR A 171 3.36 5.37 3.25
C TYR A 171 3.67 4.24 2.27
N PHE A 172 2.94 3.15 2.38
CA PHE A 172 2.96 2.11 1.36
C PHE A 172 1.80 2.32 0.38
N ALA A 173 2.11 2.41 -0.92
CA ALA A 173 1.09 2.59 -1.96
C ALA A 173 0.54 1.24 -2.44
N GLY A 174 1.13 0.16 -1.93
CA GLY A 174 0.64 -1.19 -2.17
C GLY A 174 1.38 -2.20 -1.33
N ASN A 175 0.77 -3.37 -1.16
CA ASN A 175 1.37 -4.43 -0.36
C ASN A 175 1.10 -5.79 -1.04
N GLN A 176 2.16 -6.43 -1.52
CA GLN A 176 2.09 -7.72 -2.24
C GLN A 176 0.89 -7.84 -3.17
N VAL A 177 0.78 -6.87 -4.07
CA VAL A 177 -0.27 -6.86 -5.08
C VAL A 177 0.06 -7.98 -6.08
N THR A 178 1.05 -7.76 -6.96
CA THR A 178 1.64 -8.91 -7.63
C THR A 178 2.22 -9.82 -6.57
N ASN A 179 1.89 -11.12 -6.65
CA ASN A 179 2.48 -12.07 -5.70
C ASN A 179 3.07 -13.33 -6.35
N ASP A 180 2.86 -13.49 -7.66
CA ASP A 180 3.53 -14.58 -8.40
C ASP A 180 3.56 -14.23 -9.88
N HIS A 181 4.04 -15.17 -10.71
CA HIS A 181 4.17 -14.91 -12.14
C HIS A 181 2.84 -14.82 -12.92
N THR A 182 1.70 -15.08 -12.25
CA THR A 182 0.39 -15.02 -12.91
C THR A 182 -0.31 -13.67 -12.79
N ASN A 183 0.24 -12.75 -12.01
CA ASN A 183 -0.42 -11.45 -11.84
C ASN A 183 0.54 -10.27 -11.81
N THR A 184 1.65 -10.41 -12.56
CA THR A 184 2.63 -9.33 -12.69
C THR A 184 2.04 -8.06 -13.35
N PHE A 185 1.02 -8.22 -14.19
CA PHE A 185 0.33 -7.08 -14.82
C PHE A 185 -0.42 -6.15 -13.84
N ALA A 186 -0.51 -6.52 -12.58
CA ALA A 186 -1.05 -5.58 -11.59
C ALA A 186 -0.04 -4.49 -11.20
N SER A 187 1.24 -4.76 -11.41
CA SER A 187 2.30 -3.83 -10.95
C SER A 187 2.32 -2.41 -11.57
N PRO A 188 1.92 -2.25 -12.86
CA PRO A 188 1.85 -0.89 -13.41
C PRO A 188 0.81 -0.02 -12.70
N PHE A 189 -0.25 -0.67 -12.20
CA PHE A 189 -1.29 0.05 -11.46
C PHE A 189 -0.75 0.55 -10.12
N VAL A 190 0.05 -0.27 -9.44
CA VAL A 190 0.73 0.13 -8.20
C VAL A 190 1.75 1.26 -8.48
N LYS A 191 2.50 1.16 -9.57
CA LYS A 191 3.43 2.23 -9.91
C LYS A 191 2.71 3.56 -10.17
N ALA A 192 1.57 3.53 -10.87
CA ALA A 192 0.75 4.73 -11.07
C ALA A 192 0.33 5.29 -9.70
N ALA A 193 -0.06 4.40 -8.79
CA ALA A 193 -0.47 4.81 -7.43
C ALA A 193 0.68 5.50 -6.68
N ILE A 194 1.90 4.97 -6.81
CA ILE A 194 3.08 5.58 -6.20
C ILE A 194 3.30 7.00 -6.75
N ARG A 195 3.33 7.12 -8.08
CA ARG A 195 3.43 8.40 -8.76
C ARG A 195 2.37 9.39 -8.27
N ASP A 196 1.12 8.94 -8.23
CA ASP A 196 0.02 9.85 -7.94
C ASP A 196 -0.04 10.25 -6.49
N ALA A 197 0.26 9.29 -5.59
CA ALA A 197 0.36 9.62 -4.16
C ALA A 197 1.47 10.63 -3.95
N LYS A 198 2.62 10.39 -4.59
CA LYS A 198 3.78 11.31 -4.50
C LYS A 198 3.44 12.70 -5.02
N GLU A 199 2.76 12.76 -6.16
CA GLU A 199 2.36 14.04 -6.74
C GLU A 199 1.36 14.76 -5.83
N TYR A 200 0.39 14.01 -5.31
CA TYR A 200 -0.62 14.58 -4.41
C TYR A 200 0.03 15.20 -3.17
N ILE A 201 1.00 14.47 -2.60
CA ILE A 201 1.79 14.96 -1.47
C ILE A 201 2.60 16.19 -1.87
N SER A 202 3.22 16.14 -3.04
CA SER A 202 4.06 17.25 -3.51
C SER A 202 3.26 18.56 -3.63
N HIS A 203 2.06 18.45 -4.19
CA HIS A 203 1.19 19.60 -4.39
C HIS A 203 0.44 20.05 -3.12
N SER A 204 0.39 19.18 -2.12
CA SER A 204 -0.23 19.54 -0.85
C SER A 204 0.73 20.43 -0.03
N ASN A 205 0.23 20.98 1.07
CA ASN A 205 1.07 21.73 2.01
C ASN A 205 1.89 20.85 2.98
N HIS A 206 1.68 19.54 2.92
CA HIS A 206 2.29 18.60 3.88
C HIS A 206 3.79 18.44 3.69
N ARG A 207 4.48 18.00 4.75
CA ARG A 207 5.85 17.47 4.63
C ARG A 207 5.86 16.36 3.56
N LYS A 208 6.94 16.23 2.82
CA LYS A 208 6.98 15.32 1.68
C LYS A 208 7.35 13.91 2.16
N ILE A 209 6.41 13.30 2.88
CA ILE A 209 6.52 11.93 3.38
C ILE A 209 6.74 10.97 2.20
N PRO A 210 7.76 10.10 2.28
CA PRO A 210 8.05 9.21 1.16
C PRO A 210 6.99 8.14 0.98
N VAL A 211 6.87 7.67 -0.25
CA VAL A 211 5.86 6.70 -0.63
C VAL A 211 6.56 5.51 -1.26
N GLY A 212 6.39 4.33 -0.66
CA GLY A 212 7.06 3.12 -1.12
C GLY A 212 6.12 1.94 -1.38
N TYR A 213 6.71 0.75 -1.40
CA TYR A 213 5.99 -0.47 -1.74
C TYR A 213 6.52 -1.59 -0.86
N SER A 214 5.62 -2.53 -0.53
CA SER A 214 5.95 -3.74 0.22
C SER A 214 5.62 -4.96 -0.62
N THR A 215 6.56 -5.90 -0.70
CA THR A 215 6.42 -7.05 -1.61
C THR A 215 6.59 -8.37 -0.86
N ASN A 216 6.14 -9.48 -1.47
CA ASN A 216 6.42 -10.81 -0.91
C ASN A 216 7.80 -11.34 -1.35
N ASP A 217 8.04 -12.65 -1.26
CA ASP A 217 9.38 -13.21 -1.48
C ASP A 217 9.29 -14.41 -2.40
N ASP A 218 8.52 -14.25 -3.48
CA ASP A 218 8.36 -15.32 -4.48
C ASP A 218 9.59 -15.35 -5.37
N ALA A 219 10.22 -16.54 -5.48
CA ALA A 219 11.50 -16.66 -6.18
C ALA A 219 11.45 -16.26 -7.65
N MET A 220 10.38 -16.65 -8.35
CA MET A 220 10.30 -16.37 -9.78
C MET A 220 10.19 -14.87 -10.12
N THR A 221 9.52 -14.11 -9.23
CA THR A 221 9.22 -12.70 -9.50
C THR A 221 10.07 -11.66 -8.73
N ARG A 222 10.78 -12.11 -7.71
CA ARG A 222 11.47 -11.21 -6.77
C ARG A 222 12.38 -10.16 -7.45
N ASP A 223 13.23 -10.63 -8.35
CA ASP A 223 14.22 -9.76 -8.98
C ASP A 223 13.55 -8.75 -9.88
N ASN A 224 12.62 -9.24 -10.70
CA ASN A 224 11.85 -8.39 -11.64
C ASN A 224 11.03 -7.34 -10.91
N LEU A 225 10.36 -7.73 -9.83
CA LEU A 225 9.61 -6.76 -9.05
C LEU A 225 10.49 -5.64 -8.50
N ALA A 226 11.64 -6.00 -7.95
CA ALA A 226 12.51 -5.00 -7.33
C ALA A 226 13.04 -4.03 -8.38
N ARG A 227 13.38 -4.54 -9.56
CA ARG A 227 13.84 -3.66 -10.63
C ARG A 227 12.70 -2.78 -11.14
N TYR A 228 11.52 -3.38 -11.31
CA TYR A 228 10.37 -2.67 -11.84
C TYR A 228 10.06 -1.43 -11.02
N PHE A 229 10.15 -1.55 -9.70
CA PHE A 229 9.75 -0.44 -8.83
C PHE A 229 10.76 0.71 -8.73
N VAL A 230 11.92 0.55 -9.37
CA VAL A 230 12.90 1.63 -9.50
C VAL A 230 13.21 1.98 -10.97
N CYS A 231 12.45 1.41 -11.88
CA CYS A 231 12.75 1.57 -13.32
C CYS A 231 12.02 2.76 -13.97
N GLY A 232 12.50 3.19 -15.11
CA GLY A 232 11.84 4.27 -15.85
C GLY A 232 11.74 5.57 -15.06
N ASP A 233 10.64 6.29 -15.26
CA ASP A 233 10.47 7.66 -14.77
C ASP A 233 9.78 7.77 -13.42
N VAL A 234 9.21 6.67 -12.97
CA VAL A 234 8.47 6.63 -11.71
C VAL A 234 9.14 5.58 -10.81
N LYS A 235 9.48 5.97 -9.59
CA LYS A 235 10.13 5.06 -8.64
C LYS A 235 9.47 5.10 -7.28
N ALA A 236 9.39 3.94 -6.63
CA ALA A 236 9.11 3.85 -5.21
C ALA A 236 10.18 4.64 -4.45
N ASP A 237 9.82 5.25 -3.32
CA ASP A 237 10.84 5.92 -2.50
C ASP A 237 11.67 4.99 -1.62
N PHE A 238 11.07 3.84 -1.28
CA PHE A 238 11.69 2.79 -0.45
C PHE A 238 10.95 1.49 -0.72
N TYR A 239 11.50 0.38 -0.22
CA TYR A 239 11.06 -0.93 -0.67
C TYR A 239 11.17 -1.87 0.50
N GLY A 240 10.05 -2.49 0.88
CA GLY A 240 10.03 -3.45 1.98
C GLY A 240 9.73 -4.84 1.45
N ILE A 241 10.45 -5.83 1.95
CA ILE A 241 10.24 -7.20 1.52
C ILE A 241 9.82 -8.06 2.70
N ASN A 242 8.77 -8.84 2.49
CA ASN A 242 8.33 -9.83 3.50
C ASN A 242 9.37 -10.94 3.52
N MET A 243 10.06 -11.09 4.65
CA MET A 243 11.24 -11.95 4.68
C MET A 243 11.14 -13.04 5.74
N TYR A 244 10.77 -14.25 5.31
CA TYR A 244 10.59 -15.38 6.22
C TYR A 244 11.59 -16.52 5.97
N GLU A 245 12.69 -16.21 5.27
CA GLU A 245 13.67 -17.24 4.87
C GLU A 245 14.43 -17.85 6.05
N TRP A 246 14.55 -17.09 7.13
CA TRP A 246 15.29 -17.52 8.32
C TRP A 246 14.31 -18.06 9.36
N CYS A 247 14.36 -19.36 9.58
CA CYS A 247 13.48 -20.04 10.55
C CYS A 247 14.33 -20.73 11.60
N GLY A 248 13.95 -20.59 12.88
CA GLY A 248 14.68 -21.22 13.98
C GLY A 248 16.11 -20.75 14.06
N TYR A 249 17.01 -21.68 14.41
CA TYR A 249 18.42 -21.31 14.63
C TYR A 249 19.26 -21.41 13.36
N SER A 250 18.94 -20.55 12.38
CA SER A 250 19.59 -20.59 11.07
C SER A 250 20.89 -19.76 11.08
N THR A 251 21.46 -19.52 9.91
CA THR A 251 22.65 -18.66 9.80
C THR A 251 22.55 -17.75 8.59
N TYR A 252 23.38 -16.71 8.58
CA TYR A 252 23.46 -15.76 7.47
C TYR A 252 23.67 -16.44 6.12
N GLY A 253 24.58 -17.41 6.08
CA GLY A 253 24.84 -18.18 4.86
C GLY A 253 23.73 -19.13 4.46
N THR A 254 23.20 -19.88 5.42
CA THR A 254 22.23 -20.95 5.11
C THR A 254 20.79 -20.48 4.96
N SER A 255 20.44 -19.37 5.61
CA SER A 255 19.06 -18.87 5.55
C SER A 255 18.68 -18.40 4.15
N GLY A 256 19.66 -17.86 3.43
CA GLY A 256 19.40 -17.15 2.18
C GLY A 256 19.66 -15.66 2.34
N TYR A 257 19.87 -15.20 3.58
CA TYR A 257 20.15 -13.77 3.83
C TYR A 257 21.37 -13.28 3.07
N ARG A 258 22.42 -14.10 3.01
CA ARG A 258 23.62 -13.72 2.25
C ARG A 258 23.31 -13.44 0.78
N GLU A 259 22.51 -14.30 0.17
CA GLU A 259 22.12 -14.16 -1.23
C GLU A 259 21.24 -12.93 -1.47
N ARG A 260 20.28 -12.71 -0.58
CA ARG A 260 19.39 -11.53 -0.68
C ARG A 260 20.21 -10.25 -0.51
N THR A 261 21.17 -10.27 0.40
CA THR A 261 22.03 -9.10 0.67
C THR A 261 22.92 -8.77 -0.53
N LYS A 262 23.53 -9.80 -1.13
CA LYS A 262 24.30 -9.59 -2.37
C LYS A 262 23.40 -9.07 -3.51
N GLU A 263 22.18 -9.57 -3.56
CA GLU A 263 21.17 -9.17 -4.53
C GLU A 263 20.84 -7.67 -4.44
N PHE A 264 20.65 -7.16 -3.23
CA PHE A 264 20.21 -5.78 -3.06
C PHE A 264 21.35 -4.78 -2.84
N GLU A 265 22.58 -5.26 -2.86
CA GLU A 265 23.71 -4.36 -2.73
C GLU A 265 23.67 -3.38 -3.91
N GLY A 266 23.74 -2.09 -3.61
CA GLY A 266 23.70 -1.06 -4.65
C GLY A 266 22.31 -0.61 -5.11
N TYR A 267 21.26 -1.26 -4.59
CA TYR A 267 19.87 -0.86 -4.89
C TYR A 267 19.68 0.62 -4.55
N PRO A 268 19.00 1.38 -5.44
CA PRO A 268 19.07 2.84 -5.35
C PRO A 268 18.18 3.52 -4.31
N ILE A 269 17.33 2.76 -3.64
CA ILE A 269 16.43 3.30 -2.63
C ILE A 269 16.54 2.45 -1.34
N PRO A 270 16.16 3.03 -0.18
CA PRO A 270 16.25 2.27 1.07
C PRO A 270 15.43 0.97 0.98
N VAL A 271 15.98 -0.11 1.53
CA VAL A 271 15.35 -1.43 1.47
C VAL A 271 15.45 -2.04 2.87
N PHE A 272 14.38 -2.71 3.29
CA PHE A 272 14.28 -3.27 4.64
C PHE A 272 13.31 -4.43 4.60
N PHE A 273 13.23 -5.16 5.71
CA PHE A 273 12.27 -6.26 5.80
C PHE A 273 10.95 -5.69 6.31
N SER A 274 9.92 -5.71 5.47
CA SER A 274 8.59 -5.26 5.87
C SER A 274 7.92 -6.25 6.86
N GLU A 275 8.36 -7.51 6.81
CA GLU A 275 8.00 -8.55 7.78
C GLU A 275 9.23 -9.45 7.99
N PHE A 276 9.43 -9.88 9.24
CA PHE A 276 10.29 -11.03 9.53
C PHE A 276 9.76 -11.73 10.76
N GLY A 277 10.15 -12.99 10.93
CA GLY A 277 9.79 -13.77 12.11
C GLY A 277 9.11 -15.07 11.70
N CYS A 278 9.80 -15.86 10.88
CA CYS A 278 9.32 -17.22 10.55
C CYS A 278 9.07 -17.97 11.85
N ASN A 279 7.91 -18.62 11.95
CA ASN A 279 7.47 -19.26 13.18
C ASN A 279 7.52 -20.77 13.14
N LEU A 280 8.28 -21.32 12.21
CA LEU A 280 8.45 -22.78 12.08
C LEU A 280 8.97 -23.41 13.39
N VAL A 281 9.95 -22.76 14.00
CA VAL A 281 10.50 -23.18 15.29
C VAL A 281 10.11 -22.17 16.36
N ARG A 282 9.53 -22.66 17.46
CA ARG A 282 9.10 -21.80 18.55
C ARG A 282 9.70 -22.27 19.88
N PRO A 283 9.76 -21.38 20.89
CA PRO A 283 9.53 -19.94 20.74
C PRO A 283 10.54 -19.35 19.76
N ARG A 284 10.10 -18.44 18.90
CA ARG A 284 11.00 -17.88 17.92
C ARG A 284 12.24 -17.29 18.58
N PRO A 285 13.43 -17.73 18.13
CA PRO A 285 14.70 -17.21 18.66
C PRO A 285 14.91 -15.77 18.24
N PHE A 286 14.37 -15.40 17.07
CA PHE A 286 14.69 -14.14 16.43
C PHE A 286 16.19 -13.88 16.24
N THR A 287 16.96 -14.92 15.98
CA THR A 287 18.42 -14.76 15.80
C THR A 287 18.76 -14.09 14.46
N GLU A 288 17.79 -14.00 13.57
CA GLU A 288 17.93 -13.21 12.34
C GLU A 288 18.23 -11.73 12.62
N VAL A 289 17.81 -11.26 13.78
CA VAL A 289 18.03 -9.85 14.19
C VAL A 289 19.52 -9.55 14.34
N SER A 290 20.27 -10.49 14.92
CA SER A 290 21.73 -10.35 15.01
C SER A 290 22.37 -10.18 13.64
N ALA A 291 21.88 -10.93 12.65
CA ALA A 291 22.41 -10.85 11.29
C ALA A 291 22.00 -9.53 10.63
N LEU A 292 20.71 -9.18 10.74
CA LEU A 292 20.16 -7.98 10.07
C LEU A 292 20.88 -6.68 10.44
N TYR A 293 21.25 -6.55 11.72
CA TYR A 293 21.89 -5.32 12.19
C TYR A 293 23.39 -5.46 12.32
N GLY A 294 23.90 -6.61 11.88
CA GLY A 294 25.32 -6.90 11.88
C GLY A 294 26.06 -6.20 10.75
N ASN A 295 27.39 -6.29 10.78
CA ASN A 295 28.22 -5.55 9.85
C ASN A 295 27.94 -5.83 8.37
N LYS A 296 27.76 -7.11 8.04
CA LYS A 296 27.50 -7.51 6.65
C LYS A 296 26.14 -7.05 6.10
N MET A 297 25.16 -6.86 6.98
CA MET A 297 23.82 -6.50 6.51
C MET A 297 23.44 -5.03 6.70
N SER A 298 24.06 -4.37 7.66
CA SER A 298 23.72 -2.97 7.98
C SER A 298 24.15 -1.98 6.90
N SER A 299 25.05 -2.40 6.01
CA SER A 299 25.47 -1.54 4.90
C SER A 299 24.50 -1.60 3.72
N VAL A 300 23.63 -2.62 3.69
CA VAL A 300 22.66 -2.82 2.61
C VAL A 300 21.23 -2.51 3.10
N TRP A 301 20.86 -3.06 4.25
CA TRP A 301 19.47 -3.00 4.70
C TRP A 301 19.26 -1.92 5.72
N SER A 302 18.06 -1.34 5.72
CA SER A 302 17.69 -0.31 6.68
C SER A 302 16.88 -0.88 7.82
N GLY A 303 17.11 -2.15 8.14
CA GLY A 303 16.45 -2.78 9.29
C GLY A 303 15.23 -3.59 8.89
N GLY A 304 14.24 -3.64 9.75
CA GLY A 304 13.05 -4.49 9.50
C GLY A 304 12.00 -4.46 10.59
N LEU A 305 10.82 -5.00 10.28
CA LEU A 305 9.72 -5.05 11.23
C LEU A 305 9.26 -6.47 11.49
N ALA A 306 9.27 -6.85 12.76
CA ALA A 306 8.85 -8.17 13.16
C ALA A 306 7.34 -8.32 12.92
N TYR A 307 6.91 -9.53 12.56
CA TYR A 307 5.49 -9.82 12.37
C TYR A 307 5.11 -10.86 13.42
N MET A 308 4.25 -10.52 14.40
CA MET A 308 3.71 -9.18 14.64
C MET A 308 3.42 -9.03 16.14
N TYR A 309 2.80 -7.91 16.52
CA TYR A 309 2.55 -7.65 17.95
C TYR A 309 1.46 -8.55 18.49
N PHE A 310 0.26 -8.48 17.90
CA PHE A 310 -0.91 -9.23 18.42
C PHE A 310 -0.93 -10.69 18.00
N GLU A 311 -1.27 -11.55 18.95
CA GLU A 311 -1.49 -12.95 18.66
C GLU A 311 -2.92 -13.11 18.18
N GLU A 312 -3.07 -13.62 16.96
CA GLU A 312 -4.38 -13.82 16.36
C GLU A 312 -4.44 -15.24 15.79
N GLU A 313 -5.42 -15.55 14.94
CA GLU A 313 -5.55 -16.94 14.52
C GLU A 313 -4.27 -17.50 13.84
N ASN A 314 -3.45 -16.62 13.24
CA ASN A 314 -2.20 -17.07 12.59
C ASN A 314 -0.94 -17.38 13.45
N GLU A 315 -0.99 -17.17 14.77
CA GLU A 315 0.13 -17.60 15.65
C GLU A 315 1.50 -16.90 15.44
N TYR A 316 1.46 -15.58 15.33
CA TYR A 316 2.65 -14.80 15.05
C TYR A 316 2.84 -13.70 16.07
N GLY A 317 2.04 -13.70 17.12
CA GLY A 317 2.12 -12.65 18.14
C GLY A 317 3.30 -12.79 19.10
N VAL A 318 3.60 -11.67 19.78
CA VAL A 318 4.50 -11.68 20.94
C VAL A 318 3.73 -11.37 22.22
N VAL A 319 2.49 -10.91 22.05
CA VAL A 319 1.52 -10.76 23.15
C VAL A 319 0.16 -11.27 22.72
N LYS A 320 -0.62 -11.68 23.71
CA LYS A 320 -1.98 -12.11 23.50
C LYS A 320 -2.89 -11.26 24.37
N ILE A 321 -3.96 -10.73 23.79
CA ILE A 321 -4.91 -9.92 24.57
C ILE A 321 -5.90 -10.88 25.25
N ASN A 322 -5.99 -10.82 26.58
CA ASN A 322 -6.87 -11.74 27.33
C ASN A 322 -8.35 -11.31 27.33
N ASP A 323 -9.20 -12.09 28.00
CA ASP A 323 -10.64 -11.81 28.02
C ASP A 323 -10.97 -10.49 28.72
N ASN A 324 -10.07 -10.08 29.61
CA ASN A 324 -10.18 -8.84 30.36
C ASN A 324 -9.53 -7.65 29.62
N ASP A 325 -9.21 -7.85 28.34
CA ASP A 325 -8.56 -6.84 27.47
C ASP A 325 -7.15 -6.42 27.91
N GLY A 326 -6.54 -7.23 28.77
CA GLY A 326 -5.18 -6.99 29.22
C GLY A 326 -4.14 -7.71 28.37
N VAL A 327 -2.90 -7.29 28.51
CA VAL A 327 -1.78 -7.86 27.75
C VAL A 327 -1.11 -9.03 28.49
N ASP A 328 -1.13 -10.21 27.88
CA ASP A 328 -0.35 -11.34 28.36
C ASP A 328 0.86 -11.53 27.45
N ILE A 329 2.05 -11.38 28.01
CA ILE A 329 3.30 -11.52 27.26
C ILE A 329 3.53 -13.00 26.90
N LEU A 330 3.83 -13.26 25.62
CA LEU A 330 4.08 -14.63 25.15
C LEU A 330 5.59 -14.96 25.12
N PRO A 331 5.95 -16.27 25.05
CA PRO A 331 7.37 -16.71 25.13
C PRO A 331 8.34 -16.10 24.11
N ASP A 332 7.82 -15.68 22.96
CA ASP A 332 8.56 -14.99 21.91
C ASP A 332 9.09 -13.62 22.35
N PHE A 333 8.32 -12.94 23.19
CA PHE A 333 8.56 -11.53 23.56
C PHE A 333 9.97 -11.29 24.08
N LYS A 334 10.41 -12.07 25.06
CA LYS A 334 11.74 -11.89 25.65
C LYS A 334 12.88 -12.05 24.64
N ASN A 335 12.69 -12.97 23.68
CA ASN A 335 13.69 -13.20 22.64
C ASN A 335 13.83 -12.02 21.68
N LEU A 336 12.71 -11.47 21.22
CA LEU A 336 12.74 -10.29 20.37
C LEU A 336 13.37 -9.11 21.11
N LYS A 337 12.89 -8.88 22.34
CA LYS A 337 13.40 -7.83 23.22
C LYS A 337 14.92 -7.92 23.36
N LYS A 338 15.43 -9.09 23.75
CA LYS A 338 16.87 -9.29 23.90
C LYS A 338 17.66 -9.03 22.61
N GLU A 339 17.16 -9.53 21.49
CA GLU A 339 17.80 -9.32 20.19
C GLU A 339 17.83 -7.83 19.76
N PHE A 340 16.70 -7.12 19.90
CA PHE A 340 16.65 -5.68 19.60
C PHE A 340 17.57 -4.89 20.53
N ALA A 341 17.58 -5.27 21.81
CA ALA A 341 18.48 -4.64 22.79
C ALA A 341 19.97 -4.83 22.45
N LYS A 342 20.31 -6.00 21.90
CA LYS A 342 21.67 -6.33 21.42
C LYS A 342 22.06 -5.59 20.14
N ALA A 343 21.07 -5.33 19.29
CA ALA A 343 21.33 -4.78 17.95
C ALA A 343 21.88 -3.35 18.04
N ASP A 344 23.00 -3.13 17.36
CA ASP A 344 23.68 -1.84 17.36
C ASP A 344 24.23 -1.63 15.95
N PRO A 345 23.36 -1.29 14.99
CA PRO A 345 23.80 -1.22 13.59
C PRO A 345 24.79 -0.08 13.40
N LYS A 346 25.90 -0.37 12.72
CA LYS A 346 26.91 0.63 12.42
C LYS A 346 26.49 1.36 11.15
N GLY A 347 26.06 2.61 11.31
CA GLY A 347 25.51 3.38 10.19
C GLY A 347 26.46 4.47 9.73
N ILE A 348 26.11 5.11 8.62
CA ILE A 348 26.87 6.27 8.12
C ILE A 348 26.13 7.56 8.42
N THR A 349 26.70 8.69 8.03
CA THR A 349 26.06 9.97 8.30
C THR A 349 25.67 10.62 6.99
N GLU A 350 24.68 11.51 7.07
CA GLU A 350 24.12 12.18 5.91
C GLU A 350 25.14 13.04 5.16
N GLU A 351 26.04 13.67 5.91
CA GLU A 351 27.07 14.52 5.32
C GLU A 351 27.95 13.79 4.30
N GLU A 352 28.01 12.47 4.39
CA GLU A 352 28.87 11.67 3.52
C GLU A 352 28.35 11.57 2.08
N SER A 364 18.53 6.59 -14.97
CA SER A 364 17.34 5.76 -14.75
C SER A 364 17.62 4.31 -15.13
N VAL A 365 17.01 3.39 -14.36
CA VAL A 365 17.24 1.96 -14.58
C VAL A 365 16.24 1.39 -15.59
N GLU A 366 16.69 0.40 -16.34
CA GLU A 366 15.88 -0.22 -17.39
C GLU A 366 14.81 -1.10 -16.77
N CYS A 367 13.60 -1.00 -17.29
CA CYS A 367 12.51 -1.88 -16.86
C CYS A 367 12.70 -3.29 -17.41
N PRO A 368 12.36 -4.32 -16.59
CA PRO A 368 12.43 -5.71 -17.04
C PRO A 368 11.65 -5.90 -18.34
N HIS A 369 12.24 -6.65 -19.27
CA HIS A 369 11.60 -6.91 -20.55
C HIS A 369 10.42 -7.86 -20.35
N ILE A 370 9.43 -7.76 -21.23
CA ILE A 370 8.22 -8.57 -21.15
C ILE A 370 8.52 -9.97 -21.65
N ALA A 371 8.03 -10.98 -20.92
CA ALA A 371 8.12 -12.39 -21.33
C ALA A 371 6.85 -13.11 -20.89
N VAL A 372 6.10 -13.64 -21.85
CA VAL A 372 4.82 -14.32 -21.58
C VAL A 372 4.93 -15.37 -20.46
N GLY A 373 4.05 -15.27 -19.46
CA GLY A 373 4.05 -16.19 -18.33
C GLY A 373 5.20 -16.02 -17.35
N VAL A 374 6.02 -14.98 -17.54
CA VAL A 374 7.14 -14.71 -16.64
C VAL A 374 7.07 -13.28 -16.12
N TRP A 375 6.96 -12.31 -17.04
CA TRP A 375 6.89 -10.91 -16.63
C TRP A 375 6.05 -10.14 -17.61
N GLU A 376 4.93 -9.60 -17.12
CA GLU A 376 3.94 -8.98 -17.98
C GLU A 376 3.52 -7.61 -17.46
N ALA A 377 4.45 -6.89 -16.86
CA ALA A 377 4.19 -5.53 -16.37
C ALA A 377 4.76 -4.54 -17.36
N ASN A 378 3.87 -3.90 -18.12
CA ASN A 378 4.27 -2.82 -19.03
C ASN A 378 4.93 -1.63 -18.33
N GLU A 379 5.95 -1.04 -18.97
CA GLU A 379 6.53 0.19 -18.45
C GLU A 379 5.51 1.34 -18.49
N LYS A 380 4.61 1.30 -19.48
CA LYS A 380 3.60 2.34 -19.66
C LYS A 380 2.53 2.18 -18.57
N LEU A 381 2.24 3.28 -17.89
CA LEU A 381 1.37 3.24 -16.70
C LEU A 381 0.04 3.90 -16.97
N PRO A 382 -1.04 3.46 -16.25
CA PRO A 382 -2.33 4.16 -16.30
C PRO A 382 -2.19 5.63 -15.92
N GLU A 383 -3.10 6.46 -16.44
CA GLU A 383 -3.11 7.89 -16.17
C GLU A 383 -3.55 8.18 -14.74
N THR A 384 -3.29 9.40 -14.28
CA THR A 384 -3.76 9.82 -12.97
C THR A 384 -5.30 9.87 -13.00
N PRO A 385 -5.96 9.15 -12.07
CA PRO A 385 -7.42 9.24 -12.02
C PRO A 385 -7.91 10.68 -11.86
N ASP A 386 -8.92 11.04 -12.65
CA ASP A 386 -9.40 12.41 -12.77
C ASP A 386 -10.80 12.51 -12.16
N ARG A 387 -10.85 12.87 -10.87
CA ARG A 387 -12.11 12.94 -10.11
C ARG A 387 -13.16 13.84 -10.76
N SER A 388 -12.70 14.91 -11.39
CA SER A 388 -13.60 15.88 -12.03
C SER A 388 -14.25 15.36 -13.30
N LYS A 389 -13.43 14.73 -14.17
CA LYS A 389 -13.93 14.12 -15.40
C LYS A 389 -14.94 13.06 -15.02
N CYS A 390 -14.56 12.21 -14.10
CA CYS A 390 -15.42 11.11 -13.68
C CYS A 390 -16.68 11.62 -12.99
N ALA A 391 -16.56 12.68 -12.20
CA ALA A 391 -17.73 13.28 -11.55
C ALA A 391 -18.74 13.88 -12.55
N CYS A 392 -18.26 14.27 -13.73
CA CYS A 392 -19.14 14.80 -14.77
C CYS A 392 -20.01 13.71 -15.41
N LEU A 393 -19.57 12.45 -15.35
CA LEU A 393 -20.42 11.32 -15.72
C LEU A 393 -21.66 11.24 -14.84
N ASP A 394 -21.48 11.41 -13.53
CA ASP A 394 -22.59 11.41 -12.58
C ASP A 394 -23.63 12.48 -12.94
N GLU A 395 -23.14 13.55 -13.55
CA GLU A 395 -23.94 14.72 -13.91
C GLU A 395 -24.67 14.56 -15.25
N ILE A 396 -24.00 14.01 -16.25
CA ILE A 396 -24.55 14.00 -17.61
C ILE A 396 -25.12 12.68 -18.13
N LEU A 397 -24.72 11.54 -17.55
CA LEU A 397 -25.21 10.24 -18.03
C LEU A 397 -26.72 10.07 -17.79
N PRO A 398 -27.46 9.62 -18.81
CA PRO A 398 -28.90 9.36 -18.65
C PRO A 398 -29.20 8.17 -17.73
N CYS A 399 -28.34 7.15 -17.76
CA CYS A 399 -28.59 5.92 -16.99
C CYS A 399 -27.47 5.69 -16.01
N GLU A 400 -27.83 5.59 -14.74
CA GLU A 400 -26.85 5.42 -13.67
C GLU A 400 -27.11 4.15 -12.87
N ILE A 401 -26.09 3.70 -12.15
CA ILE A 401 -26.19 2.53 -11.31
C ILE A 401 -25.56 2.83 -9.95
N VAL A 402 -26.31 2.58 -8.87
CA VAL A 402 -25.75 2.72 -7.53
C VAL A 402 -24.85 1.51 -7.25
N PRO A 403 -23.75 1.70 -6.49
CA PRO A 403 -22.78 0.61 -6.32
C PRO A 403 -23.37 -0.65 -5.71
N PHE A 404 -22.94 -1.81 -6.21
CA PHE A 404 -23.29 -3.09 -5.60
C PHE A 404 -22.33 -3.38 -4.43
N GLY A 409 -20.86 -10.04 -7.50
CA GLY A 409 -21.33 -10.92 -8.56
C GLY A 409 -22.03 -10.20 -9.71
N LYS A 410 -22.68 -9.10 -9.39
CA LYS A 410 -23.46 -8.36 -10.39
C LYS A 410 -22.60 -7.59 -11.40
N TYR A 411 -21.42 -7.14 -10.97
CA TYR A 411 -20.50 -6.44 -11.86
C TYR A 411 -20.10 -7.32 -13.03
N GLU A 412 -19.61 -8.52 -12.71
CA GLU A 412 -19.20 -9.46 -13.75
C GLU A 412 -20.35 -9.87 -14.66
N GLU A 413 -21.51 -10.13 -14.08
CA GLU A 413 -22.72 -10.45 -14.86
C GLU A 413 -23.09 -9.29 -15.79
N TYR A 414 -23.12 -8.08 -15.24
CA TYR A 414 -23.60 -6.91 -16.00
C TYR A 414 -22.61 -6.35 -17.00
N PHE A 415 -21.32 -6.38 -16.66
CA PHE A 415 -20.31 -6.01 -17.64
C PHE A 415 -20.31 -7.02 -18.79
N SER A 416 -20.45 -8.31 -18.47
CA SER A 416 -20.55 -9.34 -19.49
C SER A 416 -21.71 -9.04 -20.46
N TYR A 417 -22.87 -8.76 -19.89
CA TYR A 417 -24.06 -8.39 -20.69
C TYR A 417 -23.86 -7.10 -21.50
N LEU A 418 -23.57 -5.98 -20.81
CA LEU A 418 -23.46 -4.71 -21.50
C LEU A 418 -22.33 -4.69 -22.53
N CYS A 419 -21.20 -5.31 -22.21
CA CYS A 419 -20.06 -5.29 -23.11
C CYS A 419 -20.22 -6.23 -24.32
N SER A 420 -21.30 -7.02 -24.32
CA SER A 420 -21.70 -7.78 -25.49
C SER A 420 -22.55 -6.93 -26.44
N LYS A 421 -23.05 -5.80 -25.94
CA LYS A 421 -23.93 -4.95 -26.73
C LYS A 421 -23.26 -3.64 -27.18
N VAL A 422 -22.35 -3.12 -26.35
CA VAL A 422 -21.59 -1.92 -26.68
C VAL A 422 -20.11 -2.20 -26.51
N ASP A 423 -19.29 -1.33 -27.08
CA ASP A 423 -17.84 -1.49 -27.02
C ASP A 423 -17.26 -0.92 -25.71
N CYS A 424 -16.79 -1.80 -24.85
CA CYS A 424 -16.28 -1.41 -23.53
C CYS A 424 -14.79 -1.03 -23.49
N SER A 425 -14.21 -0.81 -24.67
CA SER A 425 -12.79 -0.48 -24.73
C SER A 425 -12.44 0.74 -23.88
N ASP A 426 -13.39 1.68 -23.78
CA ASP A 426 -13.13 2.92 -23.08
C ASP A 426 -13.00 2.77 -21.55
N ILE A 427 -13.33 1.59 -21.03
CA ILE A 427 -13.19 1.35 -19.58
C ILE A 427 -12.22 0.22 -19.23
N LEU A 428 -11.64 -0.41 -20.24
CA LEU A 428 -10.71 -1.50 -20.02
C LEU A 428 -9.33 -0.96 -19.71
N ALA A 429 -8.59 -1.71 -18.90
CA ALA A 429 -7.24 -1.31 -18.51
C ALA A 429 -6.37 -2.55 -18.57
N ASN A 430 -5.33 -2.50 -19.40
CA ASN A 430 -4.48 -3.66 -19.63
C ASN A 430 -3.03 -3.36 -19.26
N GLY A 431 -2.61 -3.92 -18.12
CA GLY A 431 -1.27 -3.70 -17.58
C GLY A 431 -0.17 -4.43 -18.34
N LYS A 432 -0.55 -5.46 -19.11
CA LYS A 432 0.37 -6.20 -19.94
C LYS A 432 0.74 -5.40 -21.21
N THR A 433 -0.27 -4.86 -21.88
CA THR A 433 -0.06 -4.14 -23.12
C THR A 433 0.12 -2.65 -22.95
N GLY A 434 -0.14 -2.12 -21.76
CA GLY A 434 -0.07 -0.68 -21.54
C GLY A 434 -1.14 0.11 -22.28
N GLU A 435 -2.31 -0.51 -22.46
CA GLU A 435 -3.44 0.12 -23.12
C GLU A 435 -4.52 0.39 -22.09
N TYR A 436 -4.83 1.67 -21.90
CA TYR A 436 -5.76 2.09 -20.82
C TYR A 436 -6.86 2.96 -21.40
N GLY A 437 -8.10 2.50 -21.30
CA GLY A 437 -9.24 3.25 -21.82
C GLY A 437 -9.43 4.62 -21.21
N GLU A 438 -10.03 5.53 -21.99
CA GLU A 438 -10.22 6.92 -21.58
C GLU A 438 -10.96 7.07 -20.23
N PHE A 439 -11.91 6.18 -19.95
CA PHE A 439 -12.64 6.26 -18.69
C PHE A 439 -12.30 5.09 -17.76
N SER A 440 -11.16 4.44 -17.99
CA SER A 440 -10.75 3.28 -17.17
C SER A 440 -10.36 3.70 -15.75
N ASP A 441 -10.18 5.00 -15.52
CA ASP A 441 -9.82 5.53 -14.19
C ASP A 441 -11.07 5.94 -13.37
N CYS A 442 -12.25 5.79 -13.94
CA CYS A 442 -13.48 6.09 -13.17
C CYS A 442 -13.86 4.92 -12.27
N SER A 443 -14.77 5.15 -11.33
CA SER A 443 -15.18 4.10 -10.39
C SER A 443 -15.92 2.99 -11.13
N VAL A 444 -15.99 1.80 -10.54
CA VAL A 444 -16.61 0.67 -11.24
C VAL A 444 -18.08 0.98 -11.60
N GLU A 445 -18.80 1.66 -10.71
CA GLU A 445 -20.18 2.03 -11.01
C GLU A 445 -20.28 3.07 -12.10
N GLN A 446 -19.36 4.05 -12.08
CA GLN A 446 -19.32 5.04 -13.16
C GLN A 446 -19.06 4.35 -14.52
N LYS A 447 -18.14 3.40 -14.51
CA LYS A 447 -17.81 2.67 -15.74
C LYS A 447 -18.99 1.85 -16.27
N LEU A 448 -19.68 1.18 -15.36
CA LEU A 448 -20.88 0.41 -15.70
C LEU A 448 -21.99 1.35 -16.21
N SER A 449 -22.22 2.47 -15.50
CA SER A 449 -23.20 3.50 -15.91
C SER A 449 -22.92 4.05 -17.32
N LEU A 450 -21.65 4.33 -17.62
CA LEU A 450 -21.26 4.74 -18.98
C LEU A 450 -21.75 3.74 -20.05
N GLN A 451 -21.52 2.46 -19.82
CA GLN A 451 -21.88 1.43 -20.79
C GLN A 451 -23.39 1.33 -20.92
N LEU A 452 -24.08 1.36 -19.77
CA LEU A 452 -25.54 1.30 -19.77
C LEU A 452 -26.13 2.50 -20.53
N SER A 453 -25.57 3.68 -20.30
CA SER A 453 -26.00 4.90 -21.01
C SER A 453 -25.75 4.82 -22.52
N LYS A 454 -24.59 4.30 -22.91
CA LYS A 454 -24.29 4.08 -24.32
C LYS A 454 -25.36 3.18 -24.97
N LEU A 455 -25.77 2.12 -24.27
CA LEU A 455 -26.83 1.25 -24.79
C LEU A 455 -28.19 1.97 -24.91
N TYR A 456 -28.53 2.73 -23.88
CA TYR A 456 -29.74 3.53 -23.87
C TYR A 456 -29.81 4.44 -25.10
N CYS A 457 -28.69 5.09 -25.40
CA CYS A 457 -28.59 5.99 -26.53
C CYS A 457 -28.61 5.24 -27.87
N LYS A 458 -28.03 4.04 -27.89
CA LYS A 458 -28.02 3.21 -29.08
C LYS A 458 -29.43 2.72 -29.43
N ILE A 459 -30.20 2.32 -28.42
CA ILE A 459 -31.62 1.98 -28.59
C ILE A 459 -32.41 3.20 -29.07
N GLY A 460 -32.14 4.36 -28.46
CA GLY A 460 -32.69 5.64 -28.90
C GLY A 460 -34.18 5.84 -28.69
N ALA A 461 -34.77 5.08 -27.77
CA ALA A 461 -36.19 5.17 -27.46
C ALA A 461 -36.50 6.48 -26.75
N ASN A 462 -35.48 7.04 -26.11
CA ASN A 462 -35.56 8.29 -25.35
C ASN A 462 -36.82 8.45 -24.50
N ASP A 463 -37.11 7.40 -23.75
CA ASP A 463 -38.32 7.29 -22.95
C ASP A 463 -37.99 7.14 -21.46
N ARG A 464 -36.75 7.47 -21.10
CA ARG A 464 -36.25 7.37 -19.73
C ARG A 464 -36.21 5.94 -19.14
N HIS A 465 -36.34 4.95 -20.01
CA HIS A 465 -36.28 3.54 -19.59
C HIS A 465 -34.90 2.93 -19.84
N CYS A 466 -34.10 2.82 -18.77
CA CYS A 466 -32.74 2.30 -18.87
C CYS A 466 -32.71 0.79 -19.13
N PRO A 467 -31.94 0.35 -20.15
CA PRO A 467 -32.00 -1.04 -20.61
C PRO A 467 -31.26 -2.09 -19.76
N LEU A 468 -31.43 -2.02 -18.44
CA LEU A 468 -30.94 -3.07 -17.55
C LEU A 468 -31.87 -3.18 -16.35
N ASN A 469 -32.30 -4.41 -16.06
CA ASN A 469 -33.25 -4.63 -14.98
C ASN A 469 -32.54 -4.94 -13.69
N ASP A 470 -32.44 -3.95 -12.82
CA ASP A 470 -31.86 -4.09 -11.50
C ASP A 470 -32.34 -2.94 -10.66
N LYS A 471 -32.63 -3.21 -9.40
CA LYS A 471 -33.07 -2.16 -8.47
C LYS A 471 -32.06 -1.02 -8.37
N ASN A 472 -30.79 -1.30 -8.65
CA ASN A 472 -29.72 -0.29 -8.53
C ASN A 472 -29.65 0.67 -9.72
N VAL A 473 -30.33 0.32 -10.81
CA VAL A 473 -30.39 1.16 -12.01
C VAL A 473 -31.45 2.24 -11.88
N TYR A 474 -31.10 3.46 -12.27
CA TYR A 474 -32.07 4.56 -12.31
C TYR A 474 -31.79 5.53 -13.44
N PHE A 475 -32.85 6.19 -13.92
CA PHE A 475 -32.65 7.26 -14.88
C PHE A 475 -32.24 8.54 -14.15
N ASN A 476 -31.22 9.21 -14.67
CA ASN A 476 -30.64 10.38 -14.03
C ASN A 476 -31.28 11.67 -14.55
N LEU A 477 -32.16 12.25 -13.74
CA LEU A 477 -32.89 13.47 -14.15
C LEU A 477 -31.99 14.66 -14.43
N GLU A 478 -30.88 14.75 -13.70
CA GLU A 478 -29.84 15.76 -13.96
C GLU A 478 -29.33 15.69 -15.42
N SER A 479 -29.45 14.53 -16.05
CA SER A 479 -29.03 14.36 -17.44
C SER A 479 -29.83 15.21 -18.42
N LEU A 480 -31.05 15.58 -18.04
CA LEU A 480 -31.93 16.33 -18.91
C LEU A 480 -31.67 17.82 -18.84
N GLN A 481 -30.97 18.25 -17.79
CA GLN A 481 -30.77 19.67 -17.52
C GLN A 481 -29.65 20.24 -18.38
N PRO A 482 -29.87 21.43 -18.99
CA PRO A 482 -28.83 22.11 -19.78
C PRO A 482 -27.64 22.55 -18.93
N CYS A 489 -17.55 20.66 -16.74
CA CYS A 489 -18.10 19.42 -17.29
C CYS A 489 -18.36 19.50 -18.79
N LYS A 490 -18.00 20.65 -19.38
CA LYS A 490 -18.24 20.89 -20.80
C LYS A 490 -17.47 19.92 -21.70
N ASN A 491 -16.21 19.69 -21.35
CA ASN A 491 -15.34 18.80 -22.13
C ASN A 491 -15.78 17.34 -22.05
N VAL A 492 -16.12 16.89 -20.84
CA VAL A 492 -16.62 15.54 -20.62
C VAL A 492 -17.91 15.31 -21.42
N PHE A 493 -18.81 16.29 -21.38
CA PHE A 493 -20.01 16.22 -22.20
C PHE A 493 -19.65 16.01 -23.67
N ASP A 494 -18.74 16.85 -24.18
CA ASP A 494 -18.25 16.71 -25.55
C ASP A 494 -17.68 15.31 -25.81
N SER A 495 -16.94 14.78 -24.83
CA SER A 495 -16.38 13.43 -24.91
C SER A 495 -17.46 12.36 -24.96
N ILE A 496 -18.44 12.48 -24.06
CA ILE A 496 -19.54 11.53 -23.98
C ILE A 496 -20.52 11.71 -25.15
N ARG A 497 -20.81 12.97 -25.51
CA ARG A 497 -21.63 13.27 -26.70
C ARG A 497 -20.98 12.69 -27.95
N ASP A 498 -19.64 12.79 -28.01
CA ASP A 498 -18.86 12.21 -29.11
C ASP A 498 -18.97 10.69 -29.09
N ILE A 499 -18.97 10.13 -27.87
CA ILE A 499 -19.01 8.68 -27.66
C ILE A 499 -20.31 8.00 -28.14
N THR A 500 -21.40 8.76 -28.19
CA THR A 500 -22.70 8.24 -28.66
C THR A 500 -22.73 8.00 -30.17
C1 GLC B . 3.06 -11.06 5.62
C2 GLC B . 1.65 -10.45 5.35
C3 GLC B . 0.67 -10.66 6.52
C4 GLC B . 0.62 -12.15 6.89
C5 GLC B . 2.02 -12.60 7.30
C6 GLC B . 2.03 -14.04 7.88
O2 GLC B . 1.67 -9.06 4.91
O3 GLC B . -0.62 -10.36 6.06
O4 GLC B . -0.37 -12.39 7.90
O5 GLC B . 2.89 -12.42 6.11
O6 GLC B . 2.51 -14.99 6.92
C2 BGC B . -2.03 -8.74 5.39
C3 BGC B . -2.79 -7.48 5.76
C4 BGC B . -3.35 -7.55 7.19
C5 BGC B . -2.26 -7.98 8.18
C6 BGC B . -2.97 -8.38 9.47
C1 BGC B . -0.98 -9.06 6.44
O2 BGC B . -1.49 -8.64 4.12
O3 BGC B . -3.41 -7.43 4.91
O4 BGC B . -3.86 -6.29 7.59
O5 BGC B . -1.52 -9.13 7.77
O6 BGC B . -1.96 -8.52 10.43
C2 BGC B . -4.56 -6.80 2.87
C3 BGC B . -4.70 -6.00 1.69
C4 BGC B . -4.35 -4.47 2.06
C5 BGC B . -3.13 -4.40 2.99
C6 BGC B . -2.96 -3.05 3.78
C1 BGC B . -3.30 -6.60 3.75
O2 BGC B . -5.09 -8.14 2.75
O3 BGC B . -5.81 -6.04 0.88
O4 BGC B . -3.99 -3.78 0.88
O5 BGC B . -3.25 -5.17 4.18
O6 BGC B . -4.21 -2.45 4.18
C2 BGC B . -7.19 -6.99 -0.88
C3 BGC B . -7.11 -7.69 -2.27
C4 BGC B . -5.93 -7.24 -3.15
C5 BGC B . -4.64 -7.11 -2.31
C6 BGC B . -3.50 -6.37 -3.04
C1 BGC B . -5.81 -6.89 -0.21
O2 BGC B . -8.09 -7.69 -0.02
O3 BGC B . -8.30 -7.34 -3.00
O4 BGC B . -5.74 -8.17 -4.22
O5 BGC B . -4.92 -6.30 -1.14
O6 BGC B . -3.83 -4.98 -3.12
C2 BGC C . 13.04 -25.61 6.93
C3 BGC C . 13.94 -24.37 6.96
C4 BGC C . 14.43 -24.07 8.39
C5 BGC C . 14.92 -25.31 9.14
C6 BGC C . 15.03 -24.98 10.65
C1 BGC C . 13.78 -26.80 7.58
O1 BGC C . 12.99 -27.98 7.51
O2 BGC C . 12.66 -25.92 5.59
O3 BGC C . 13.22 -23.22 6.45
O4 BGC C . 15.49 -23.11 8.33
O5 BGC C . 14.06 -26.48 8.97
O6 BGC C . 16.18 -24.18 10.92
C2 BGC C . 12.83 -21.59 4.73
C3 BGC C . 13.14 -21.13 3.28
C4 BGC C . 14.68 -20.99 3.14
C5 BGC C . 15.35 -22.33 3.50
C6 BGC C . 16.89 -22.35 3.31
C1 BGC C . 13.61 -22.87 5.08
O2 BGC C . 11.42 -21.82 4.92
O3 BGC C . 12.33 -19.92 3.06
O4 BGC C . 15.01 -20.61 1.80
O5 BGC C . 15.03 -22.65 4.89
O6 BGC C . 17.46 -23.42 4.07
C1 GLC C . 12.26 -19.24 1.78
C2 GLC C . 10.87 -18.53 1.72
C3 GLC C . 10.41 -18.26 0.29
C4 GLC C . 11.61 -18.05 -0.63
C5 GLC C . 12.47 -19.34 -0.72
C6 GLC C . 13.84 -19.09 -1.42
O2 GLC C . 9.86 -19.29 2.40
O3 GLC C . 9.59 -17.08 0.33
O4 GLC C . 11.17 -17.69 -1.95
O5 GLC C . 12.65 -20.01 0.58
O6 GLC C . 14.49 -17.92 -0.92
C2 BGC C . 7.37 -16.12 0.61
C3 BGC C . 5.87 -16.31 0.26
C4 BGC C . 5.70 -16.97 -1.15
C5 BGC C . 6.53 -18.27 -1.23
C6 BGC C . 6.31 -19.17 -2.49
C1 BGC C . 8.20 -17.38 0.23
O2 BGC C . 7.53 -15.79 2.02
O3 BGC C . 5.10 -15.07 0.37
O4 BGC C . 4.31 -17.23 -1.38
O5 BGC C . 7.92 -17.88 -1.12
O6 BGC C . 6.94 -18.60 -3.63
C2 BGC C . 3.67 -13.62 1.81
C3 BGC C . 2.62 -13.60 2.95
C4 BGC C . 1.65 -14.78 2.81
C5 BGC C . 2.43 -16.10 2.83
C6 BGC C . 1.48 -17.32 2.80
C1 BGC C . 4.32 -15.02 1.63
O2 BGC C . 4.67 -12.64 2.10
O3 BGC C . 1.88 -12.39 2.89
O4 BGC C . 0.71 -14.73 3.89
O5 BGC C . 3.34 -16.12 1.69
O6 BGC C . 2.08 -18.40 2.07
#